data_6SW8
#
_entry.id   6SW8
#
_cell.length_a   83.827
_cell.length_b   83.827
_cell.length_c   68.527
_cell.angle_alpha   90.000
_cell.angle_beta   90.000
_cell.angle_gamma   120.000
#
_symmetry.space_group_name_H-M   'P 31 2 1'
#
loop_
_entity.id
_entity.type
_entity.pdbx_description
1 polymer 'Non-structural protein 1'
2 non-polymer 1,2-ETHANEDIOL
3 non-polymer DI(HYDROXYETHYL)ETHER
4 water water
#
_entity_poly.entity_id   1
_entity_poly.type   'polypeptide(L)'
_entity_poly.pdbx_seq_one_letter_code
;GSHMSDSNTITSFQVDCYLWHIRKLLSMRDMCDAPFDDRLRRDQKALKGRGSTLGLDLRVATMEGKKIVEDILKSET
;
_entity_poly.pdbx_strand_id   A,B
#
loop_
_chem_comp.id
_chem_comp.type
_chem_comp.name
_chem_comp.formula
EDO non-polymer 1,2-ETHANEDIOL 'C2 H6 O2'
PEG non-polymer DI(HYDROXYETHYL)ETHER 'C4 H10 O3'
#
# COMPACT_ATOMS: atom_id res chain seq x y z
N SER A 5 -16.90 1.31 -14.30
CA SER A 5 -17.80 1.88 -13.31
C SER A 5 -17.53 3.36 -13.04
N ASP A 6 -17.64 3.75 -11.76
CA ASP A 6 -17.50 5.14 -11.34
C ASP A 6 -16.02 5.54 -11.23
N SER A 7 -15.75 6.84 -11.38
CA SER A 7 -14.39 7.38 -11.41
C SER A 7 -13.57 7.04 -10.15
N ASN A 8 -14.18 7.25 -8.97
CA ASN A 8 -13.53 6.89 -7.72
C ASN A 8 -13.21 5.40 -7.65
N THR A 9 -14.07 4.56 -8.24
CA THR A 9 -13.79 3.13 -8.18
C THR A 9 -12.59 2.79 -9.06
N ILE A 10 -12.46 3.43 -10.21
CA ILE A 10 -11.30 3.19 -11.06
C ILE A 10 -10.03 3.67 -10.38
N THR A 11 -10.10 4.87 -9.82
CA THR A 11 -8.94 5.44 -9.15
C THR A 11 -8.50 4.56 -8.00
N SER A 12 -9.46 4.07 -7.21
CA SER A 12 -9.10 3.18 -6.09
C SER A 12 -8.36 1.94 -6.57
N PHE A 13 -8.84 1.36 -7.66
CA PHE A 13 -8.21 0.16 -8.21
C PHE A 13 -6.79 0.46 -8.70
N GLN A 14 -6.61 1.57 -9.42
CA GLN A 14 -5.29 1.92 -9.92
C GLN A 14 -4.30 2.09 -8.79
N VAL A 15 -4.70 2.84 -7.75
CA VAL A 15 -3.84 3.00 -6.57
C VAL A 15 -3.53 1.66 -5.93
N ASP A 16 -4.56 0.84 -5.72
CA ASP A 16 -4.31 -0.46 -5.10
C ASP A 16 -3.31 -1.29 -5.91
N CYS A 17 -3.42 -1.25 -7.25
CA CYS A 17 -2.47 -1.97 -8.09
C CYS A 17 -1.05 -1.46 -7.84
N TYR A 18 -0.87 -0.13 -7.83
CA TYR A 18 0.49 0.36 -7.67
C TYR A 18 1.03 0.05 -6.27
N LEU A 19 0.20 0.17 -5.24
CA LEU A 19 0.71 -0.18 -3.89
C LEU A 19 1.05 -1.67 -3.81
N TRP A 20 0.27 -2.53 -4.48
CA TRP A 20 0.64 -3.94 -4.48
C TRP A 20 2.01 -4.11 -5.12
N HIS A 21 2.26 -3.39 -6.22
CA HIS A 21 3.58 -3.47 -6.88
C HIS A 21 4.70 -3.13 -5.90
N ILE A 22 4.53 -2.06 -5.13
CA ILE A 22 5.54 -1.71 -4.13
C ILE A 22 5.74 -2.83 -3.13
N ARG A 23 4.63 -3.36 -2.62
CA ARG A 23 4.73 -4.45 -1.64
C ARG A 23 5.46 -5.64 -2.25
N LYS A 24 5.18 -5.92 -3.52
CA LYS A 24 5.86 -7.05 -4.18
C LYS A 24 7.35 -6.79 -4.29
N LEU A 25 7.76 -5.54 -4.58
CA LEU A 25 9.21 -5.21 -4.57
C LEU A 25 9.84 -5.55 -3.21
N LEU A 26 9.15 -5.24 -2.12
CA LEU A 26 9.65 -5.55 -0.77
CA LEU A 26 9.71 -5.54 -0.80
C LEU A 26 9.87 -7.05 -0.62
N SER A 27 8.87 -7.82 -1.02
CA SER A 27 8.93 -9.27 -0.90
C SER A 27 10.09 -9.83 -1.73
N MET A 28 10.27 -9.32 -2.97
CA MET A 28 11.35 -9.81 -3.84
CA MET A 28 11.35 -9.81 -3.84
C MET A 28 12.73 -9.46 -3.31
N ARG A 29 12.82 -8.54 -2.34
CA ARG A 29 14.11 -8.21 -1.73
C ARG A 29 14.34 -8.97 -0.42
N ASP A 30 13.47 -9.94 -0.09
CA ASP A 30 13.64 -10.74 1.15
C ASP A 30 13.54 -9.83 2.37
N MET A 31 12.69 -8.79 2.28
CA MET A 31 12.60 -7.80 3.34
C MET A 31 11.30 -7.88 4.12
N CYS A 32 10.43 -8.86 3.86
CA CYS A 32 9.13 -8.87 4.53
C CYS A 32 8.98 -10.17 5.30
N ASP A 33 7.93 -10.26 6.16
CA ASP A 33 7.77 -11.47 6.96
C ASP A 33 6.70 -12.31 6.31
N ALA A 34 6.38 -13.43 6.93
CA ALA A 34 5.49 -14.41 6.30
C ALA A 34 4.04 -13.88 6.20
N PRO A 35 3.49 -13.24 7.24
CA PRO A 35 2.14 -12.69 7.06
C PRO A 35 2.07 -11.66 5.94
N PHE A 36 3.09 -10.85 5.78
CA PHE A 36 3.07 -9.87 4.67
C PHE A 36 3.01 -10.57 3.32
N ASP A 37 3.77 -11.67 3.14
CA ASP A 37 3.68 -12.44 1.90
C ASP A 37 2.31 -13.08 1.73
N ASP A 38 1.70 -13.56 2.83
CA ASP A 38 0.34 -14.11 2.74
C ASP A 38 -0.63 -13.06 2.22
N ARG A 39 -0.58 -11.84 2.80
CA ARG A 39 -1.45 -10.76 2.29
C ARG A 39 -1.16 -10.42 0.84
N LEU A 40 0.11 -10.46 0.45
CA LEU A 40 0.40 -10.17 -0.96
C LEU A 40 -0.25 -11.21 -1.90
N ARG A 41 -0.16 -12.49 -1.52
CA ARG A 41 -0.77 -13.51 -2.37
C ARG A 41 -2.28 -13.35 -2.41
N ARG A 42 -2.91 -13.13 -1.25
CA ARG A 42 -4.37 -12.93 -1.22
C ARG A 42 -4.76 -11.72 -2.08
N ASP A 43 -4.04 -10.60 -1.92
CA ASP A 43 -4.42 -9.37 -2.62
C ASP A 43 -4.15 -9.45 -4.11
N GLN A 44 -3.19 -10.28 -4.53
CA GLN A 44 -3.00 -10.46 -5.96
C GLN A 44 -4.27 -11.07 -6.57
N LYS A 45 -4.83 -12.08 -5.92
CA LYS A 45 -6.06 -12.67 -6.46
C LYS A 45 -7.18 -11.65 -6.44
N ALA A 46 -7.21 -10.84 -5.38
CA ALA A 46 -8.25 -9.81 -5.25
C ALA A 46 -8.14 -8.81 -6.40
N LEU A 47 -6.91 -8.35 -6.71
CA LEU A 47 -6.76 -7.38 -7.81
C LEU A 47 -7.14 -8.01 -9.13
N LYS A 48 -6.79 -9.30 -9.33
CA LYS A 48 -7.20 -9.91 -10.60
C LYS A 48 -8.71 -9.99 -10.70
N GLY A 49 -9.38 -10.36 -9.60
CA GLY A 49 -10.85 -10.48 -9.69
C GLY A 49 -11.52 -9.10 -9.83
N ARG A 50 -11.05 -8.12 -9.08
CA ARG A 50 -11.61 -6.79 -9.21
C ARG A 50 -11.35 -6.24 -10.61
N GLY A 51 -10.13 -6.43 -11.10
CA GLY A 51 -9.78 -5.88 -12.40
C GLY A 51 -10.60 -6.51 -13.50
N SER A 52 -10.83 -7.82 -13.40
CA SER A 52 -11.65 -8.50 -14.41
C SER A 52 -13.05 -7.93 -14.43
N THR A 53 -13.64 -7.66 -13.25
CA THR A 53 -15.02 -7.17 -13.35
C THR A 53 -15.05 -5.71 -13.75
N LEU A 54 -13.99 -4.94 -13.49
CA LEU A 54 -13.97 -3.58 -14.09
C LEU A 54 -13.54 -3.58 -15.56
N GLY A 55 -13.02 -4.70 -16.08
CA GLY A 55 -12.56 -4.71 -17.47
C GLY A 55 -11.15 -4.17 -17.69
N LEU A 56 -10.35 -3.97 -16.61
CA LEU A 56 -9.16 -3.14 -16.72
C LEU A 56 -7.91 -3.99 -16.87
N ASP A 57 -7.02 -3.55 -17.75
CA ASP A 57 -5.68 -4.12 -17.88
C ASP A 57 -4.88 -3.80 -16.62
N LEU A 58 -4.41 -4.83 -15.90
CA LEU A 58 -3.70 -4.58 -14.64
C LEU A 58 -2.36 -3.84 -14.84
N ARG A 59 -1.71 -4.04 -15.96
CA ARG A 59 -0.41 -3.37 -16.10
C ARG A 59 -0.61 -1.88 -16.32
N VAL A 60 -1.57 -1.50 -17.18
CA VAL A 60 -1.90 -0.10 -17.38
C VAL A 60 -2.43 0.52 -16.08
N ALA A 61 -3.26 -0.22 -15.35
CA ALA A 61 -3.81 0.33 -14.11
C ALA A 61 -2.69 0.62 -13.10
N THR A 62 -1.69 -0.26 -13.04
CA THR A 62 -0.51 -0.05 -12.18
C THR A 62 0.25 1.22 -12.57
N MET A 63 0.47 1.43 -13.88
CA MET A 63 1.14 2.64 -14.33
C MET A 63 0.33 3.87 -13.97
N GLU A 64 -0.98 3.82 -14.15
CA GLU A 64 -1.82 4.98 -13.81
C GLU A 64 -1.79 5.24 -12.32
N GLY A 65 -1.79 4.17 -11.53
CA GLY A 65 -1.73 4.33 -10.08
C GLY A 65 -0.44 5.01 -9.65
N LYS A 66 0.67 4.67 -10.30
CA LYS A 66 1.93 5.31 -10.01
C LYS A 66 1.79 6.81 -10.20
N LYS A 67 1.15 7.23 -11.31
CA LYS A 67 1.01 8.66 -11.57
C LYS A 67 0.14 9.33 -10.52
N ILE A 68 -0.92 8.65 -10.09
CA ILE A 68 -1.83 9.24 -9.12
C ILE A 68 -1.13 9.42 -7.79
N VAL A 69 -0.40 8.41 -7.36
CA VAL A 69 0.27 8.49 -6.07
C VAL A 69 1.37 9.54 -6.08
N GLU A 70 2.22 9.53 -7.12
CA GLU A 70 3.23 10.58 -7.21
C GLU A 70 2.58 11.96 -7.18
N ASP A 71 1.42 12.11 -7.81
CA ASP A 71 0.79 13.42 -7.83
C ASP A 71 0.30 13.84 -6.45
N ILE A 72 -0.37 12.95 -5.72
CA ILE A 72 -0.86 13.38 -4.40
C ILE A 72 0.29 13.49 -3.40
N LEU A 73 1.42 12.79 -3.64
CA LEU A 73 2.60 12.97 -2.79
C LEU A 73 3.29 14.30 -3.08
N LYS A 74 3.17 14.82 -4.30
CA LYS A 74 3.78 16.11 -4.63
C LYS A 74 3.21 17.21 -3.74
N SER A 75 1.89 17.22 -3.54
CA SER A 75 1.19 18.29 -2.83
C SER A 75 0.93 17.94 -1.36
N GLU A 76 1.80 17.17 -0.74
CA GLU A 76 1.60 16.78 0.65
C GLU A 76 1.94 17.93 1.61
N THR A 77 3.21 18.31 1.67
CA THR A 77 3.66 19.35 2.60
C THR A 77 4.18 20.59 1.87
N SER B 5 10.32 -7.98 17.59
CA SER B 5 10.34 -9.20 16.78
C SER B 5 11.48 -9.12 15.74
N ASP B 6 11.43 -9.93 14.66
CA ASP B 6 12.59 -9.96 13.77
C ASP B 6 12.60 -8.72 12.90
N SER B 7 13.76 -8.53 12.25
CA SER B 7 13.98 -7.34 11.44
C SER B 7 12.92 -7.21 10.37
N ASN B 8 12.52 -8.35 9.77
CA ASN B 8 11.57 -8.25 8.66
C ASN B 8 10.16 -7.95 9.16
N THR B 9 9.80 -8.40 10.36
CA THR B 9 8.49 -8.00 10.88
C THR B 9 8.42 -6.46 11.02
N ILE B 10 9.47 -5.85 11.55
CA ILE B 10 9.50 -4.39 11.70
C ILE B 10 9.42 -3.71 10.33
N THR B 11 10.27 -4.13 9.39
CA THR B 11 10.23 -3.52 8.05
C THR B 11 8.85 -3.65 7.40
N SER B 12 8.22 -4.83 7.54
CA SER B 12 6.87 -5.01 6.98
C SER B 12 5.89 -4.01 7.61
N PHE B 13 5.96 -3.83 8.94
CA PHE B 13 5.06 -2.89 9.61
C PHE B 13 5.34 -1.45 9.16
N GLN B 14 6.61 -1.05 9.08
CA GLN B 14 6.90 0.30 8.61
C GLN B 14 6.33 0.55 7.20
N VAL B 15 6.55 -0.39 6.29
CA VAL B 15 6.05 -0.19 4.93
C VAL B 15 4.53 -0.14 4.96
N ASP B 16 3.90 -1.05 5.71
CA ASP B 16 2.43 -1.03 5.74
C ASP B 16 1.93 0.31 6.28
N CYS B 17 2.61 0.86 7.30
CA CYS B 17 2.20 2.15 7.83
C CYS B 17 2.31 3.24 6.78
N TYR B 18 3.42 3.26 6.03
CA TYR B 18 3.55 4.31 5.01
C TYR B 18 2.52 4.13 3.90
N LEU B 19 2.29 2.89 3.46
CA LEU B 19 1.28 2.72 2.41
C LEU B 19 -0.12 3.08 2.93
N TRP B 20 -0.42 2.83 4.21
CA TRP B 20 -1.68 3.31 4.78
C TRP B 20 -1.77 4.84 4.65
N HIS B 21 -0.68 5.54 4.94
CA HIS B 21 -0.66 7.00 4.89
C HIS B 21 -1.00 7.50 3.48
N ILE B 22 -0.48 6.82 2.45
CA ILE B 22 -0.76 7.15 1.06
C ILE B 22 -2.25 6.94 0.78
N ARG B 23 -2.78 5.81 1.20
CA ARG B 23 -4.21 5.55 1.03
C ARG B 23 -5.03 6.60 1.75
N LYS B 24 -4.59 7.04 2.94
CA LYS B 24 -5.34 8.06 3.65
C LYS B 24 -5.36 9.34 2.86
N LEU B 25 -4.21 9.72 2.27
CA LEU B 25 -4.19 10.94 1.47
C LEU B 25 -5.19 10.85 0.32
N LEU B 26 -5.26 9.70 -0.36
CA LEU B 26 -6.25 9.52 -1.44
C LEU B 26 -7.65 9.76 -0.91
N SER B 27 -7.96 9.16 0.23
CA SER B 27 -9.31 9.20 0.76
C SER B 27 -9.70 10.62 1.19
N MET B 28 -8.77 11.32 1.84
CA MET B 28 -9.05 12.68 2.27
C MET B 28 -9.33 13.58 1.07
N ARG B 29 -8.66 13.35 -0.05
CA ARG B 29 -8.95 14.08 -1.27
C ARG B 29 -10.25 13.65 -1.92
N ASP B 30 -11.02 12.75 -1.28
CA ASP B 30 -12.29 12.23 -1.81
C ASP B 30 -12.10 11.64 -3.20
N MET B 31 -11.07 10.81 -3.34
CA MET B 31 -10.76 10.20 -4.62
C MET B 31 -10.93 8.68 -4.58
N CYS B 32 -11.44 8.12 -3.49
CA CYS B 32 -11.62 6.69 -3.36
C CYS B 32 -13.09 6.34 -3.26
N ASP B 33 -13.43 5.05 -3.40
CA ASP B 33 -14.83 4.67 -3.26
C ASP B 33 -15.04 4.14 -1.84
N ALA B 34 -16.27 3.72 -1.55
CA ALA B 34 -16.59 3.25 -0.21
C ALA B 34 -15.78 2.01 0.19
N PRO B 35 -15.66 0.97 -0.64
CA PRO B 35 -14.85 -0.17 -0.21
C PRO B 35 -13.42 0.23 0.11
N PHE B 36 -12.84 1.19 -0.61
CA PHE B 36 -11.47 1.58 -0.30
C PHE B 36 -11.39 2.21 1.09
N ASP B 37 -12.39 3.03 1.44
CA ASP B 37 -12.47 3.62 2.77
C ASP B 37 -12.67 2.57 3.87
N ASP B 38 -13.51 1.56 3.62
CA ASP B 38 -13.70 0.48 4.58
C ASP B 38 -12.37 -0.25 4.87
N ARG B 39 -11.60 -0.51 3.82
CA ARG B 39 -10.33 -1.21 4.05
C ARG B 39 -9.37 -0.32 4.81
N LEU B 40 -9.42 0.99 4.53
CA LEU B 40 -8.58 1.96 5.24
C LEU B 40 -8.91 1.94 6.74
N ARG B 41 -10.20 1.99 7.05
CA ARG B 41 -10.60 2.00 8.44
C ARG B 41 -10.22 0.72 9.15
N ARG B 42 -10.48 -0.43 8.51
CA ARG B 42 -10.12 -1.69 9.14
C ARG B 42 -8.59 -1.83 9.30
N ASP B 43 -7.83 -1.42 8.31
CA ASP B 43 -6.36 -1.56 8.44
C ASP B 43 -5.82 -0.61 9.50
N GLN B 44 -6.45 0.54 9.67
CA GLN B 44 -6.02 1.46 10.73
C GLN B 44 -6.10 0.79 12.08
N LYS B 45 -7.21 0.12 12.35
CA LYS B 45 -7.35 -0.59 13.62
C LYS B 45 -6.33 -1.70 13.72
N ALA B 46 -6.10 -2.46 12.63
CA ALA B 46 -5.12 -3.53 12.68
C ALA B 46 -3.72 -3.00 12.90
N LEU B 47 -3.37 -1.90 12.24
CA LEU B 47 -2.03 -1.33 12.42
C LEU B 47 -1.83 -0.82 13.84
N LYS B 48 -2.85 -0.17 14.41
CA LYS B 48 -2.73 0.30 15.80
C LYS B 48 -2.44 -0.85 16.73
N GLY B 49 -3.10 -2.00 16.51
CA GLY B 49 -2.88 -3.15 17.36
C GLY B 49 -1.50 -3.79 17.17
N ARG B 50 -1.09 -3.96 15.92
CA ARG B 50 0.23 -4.48 15.60
C ARG B 50 1.30 -3.57 16.19
N GLY B 51 1.12 -2.25 16.05
CA GLY B 51 2.07 -1.32 16.65
C GLY B 51 2.16 -1.45 18.16
N SER B 52 1.01 -1.55 18.81
CA SER B 52 0.97 -1.77 20.25
C SER B 52 1.78 -2.99 20.66
N THR B 53 1.47 -4.13 20.04
CA THR B 53 2.17 -5.37 20.36
C THR B 53 3.66 -5.26 20.08
N LEU B 54 4.02 -4.56 19.01
CA LEU B 54 5.44 -4.43 18.77
C LEU B 54 6.09 -3.32 19.61
N GLY B 55 5.31 -2.51 20.32
CA GLY B 55 5.89 -1.37 21.04
C GLY B 55 6.38 -0.20 20.19
N LEU B 56 5.87 -0.08 18.95
CA LEU B 56 6.41 0.83 17.95
C LEU B 56 5.57 2.11 17.85
N ASP B 57 6.26 3.24 17.79
CA ASP B 57 5.61 4.53 17.52
C ASP B 57 5.15 4.59 16.05
N LEU B 58 3.82 4.73 15.83
CA LEU B 58 3.26 4.69 14.49
CA LEU B 58 3.31 4.64 14.47
C LEU B 58 3.77 5.83 13.64
N ARG B 59 3.99 6.98 14.27
CA ARG B 59 4.41 8.10 13.46
C ARG B 59 5.82 7.85 12.93
N VAL B 60 6.70 7.36 13.79
CA VAL B 60 8.08 7.10 13.35
C VAL B 60 8.10 5.95 12.36
N ALA B 61 7.27 4.93 12.58
CA ALA B 61 7.24 3.78 11.66
C ALA B 61 6.81 4.21 10.27
N THR B 62 5.86 5.15 10.20
CA THR B 62 5.43 5.67 8.92
C THR B 62 6.61 6.35 8.19
N MET B 63 7.36 7.19 8.92
CA MET B 63 8.51 7.85 8.32
C MET B 63 9.56 6.84 7.88
N GLU B 64 9.76 5.77 8.64
CA GLU B 64 10.73 4.77 8.20
C GLU B 64 10.24 4.04 6.95
N GLY B 65 8.95 3.80 6.91
CA GLY B 65 8.36 3.14 5.72
C GLY B 65 8.57 3.98 4.47
N LYS B 66 8.55 5.30 4.62
CA LYS B 66 8.72 6.17 3.45
C LYS B 66 10.15 6.02 2.92
N LYS B 67 11.14 6.00 3.82
CA LYS B 67 12.54 5.83 3.38
C LYS B 67 12.72 4.51 2.65
N ILE B 68 12.17 3.44 3.22
CA ILE B 68 12.31 2.10 2.65
C ILE B 68 11.66 2.03 1.27
N VAL B 69 10.44 2.52 1.16
CA VAL B 69 9.79 2.51 -0.14
C VAL B 69 10.58 3.33 -1.16
N GLU B 70 11.05 4.52 -0.77
CA GLU B 70 11.80 5.32 -1.74
C GLU B 70 13.04 4.60 -2.17
N ASP B 71 13.68 3.96 -1.22
CA ASP B 71 14.87 3.17 -1.47
C ASP B 71 14.59 2.09 -2.50
N ILE B 72 13.56 1.25 -2.28
CA ILE B 72 13.41 0.12 -3.20
C ILE B 72 12.87 0.60 -4.55
N LEU B 73 12.07 1.67 -4.58
CA LEU B 73 11.67 2.22 -5.89
C LEU B 73 12.88 2.72 -6.67
N LYS B 74 13.84 3.39 -6.00
CA LYS B 74 15.04 3.85 -6.69
C LYS B 74 15.81 2.70 -7.32
N SER B 75 15.85 1.53 -6.67
CA SER B 75 16.66 0.38 -7.12
C SER B 75 16.09 -0.34 -8.35
N GLU B 76 14.86 -0.05 -8.76
CA GLU B 76 14.30 -0.71 -9.93
C GLU B 76 14.49 0.07 -11.22
N THR B 77 14.76 1.37 -11.12
CA THR B 77 15.06 2.22 -12.29
C THR B 77 16.32 1.76 -13.04
C1 EDO C . 5.49 0.44 -13.62
O1 EDO C . 5.09 0.47 -12.25
C2 EDO C . 6.26 -0.86 -13.86
O2 EDO C . 5.31 -1.93 -13.82
C1 EDO D . 9.14 1.33 -10.17
O1 EDO D . 7.71 1.50 -10.16
C2 EDO D . 9.52 -0.14 -9.98
O2 EDO D . 9.45 -0.89 -11.20
C1 PEG E . -6.93 -5.94 -3.50
O1 PEG E . -8.15 -5.76 -2.88
C2 PEG E . -5.81 -5.94 -2.52
O2 PEG E . -5.25 -4.69 -2.38
C3 PEG E . -6.27 -4.04 -1.65
C4 PEG E . -6.11 -4.24 -0.16
O4 PEG E . -5.75 -2.97 0.44
C1 PEG F . -1.36 -9.32 -10.54
O1 PEG F . -0.29 -10.21 -10.65
C2 PEG F . -0.95 -8.04 -9.80
O2 PEG F . -0.36 -7.14 -10.72
C3 PEG F . 0.10 -7.67 -11.94
C4 PEG F . 1.36 -6.94 -12.36
O4 PEG F . 0.89 -5.85 -13.10
C1 EDO G . -1.67 4.84 10.84
O1 EDO G . -0.83 5.89 11.36
C2 EDO G . -2.66 4.36 11.89
O2 EDO G . -3.24 5.46 12.63
#